data_6TOM
#
_entry.id   6TOM
#
_cell.length_a   67.279
_cell.length_b   67.279
_cell.length_c   166.379
_cell.angle_alpha   90.000
_cell.angle_beta   90.000
_cell.angle_gamma   120.000
#
_symmetry.space_group_name_H-M   'P 61 2 2'
#
loop_
_entity.id
_entity.type
_entity.pdbx_description
1 polymer 'B-cell lymphoma 6 protein'
2 non-polymer 5-[[2-[(3~{S},5~{R})-4,4-bis(fluoranyl)-3,5-dimethyl-piperidin-1-yl]-5-chloranyl-pyrimidin-4-yl]amino]-1-methyl-3-(3-methyl-3-oxidanyl-butyl)benzimidazol-2-one
3 non-polymer 1,2-ETHANEDIOL
4 water water
#
_entity_poly.entity_id   1
_entity_poly.type   'polypeptide(L)'
_entity_poly.pdbx_seq_one_letter_code
;GPGLDYKDDDDKENLYFQGADSCIQFTRHASDVLLNLNRLRSRDILTDVVIVVSREQFRAHKTVLMACSGLFYSIFTDQL
KCNLSVINLDPEINPEGFCILLDFMYTSRLNLREGNIMAVMATAMYLQMEHVVDTCRKFIKASE
;
_entity_poly.pdbx_strand_id   A
#
# COMPACT_ATOMS: atom_id res chain seq x y z
N ASN A 14 -23.47 -3.13 -15.94
CA ASN A 14 -23.06 -1.85 -16.48
C ASN A 14 -21.76 -1.37 -15.84
N LEU A 15 -20.94 -0.66 -16.63
CA LEU A 15 -19.63 -0.16 -16.22
C LEU A 15 -19.73 1.18 -15.49
N TYR A 16 -20.90 1.85 -15.59
CA TYR A 16 -21.05 3.19 -15.04
C TYR A 16 -22.43 3.46 -14.43
N PHE A 17 -22.50 4.56 -13.66
CA PHE A 17 -23.73 5.00 -13.01
C PHE A 17 -23.72 6.53 -12.83
N GLN A 18 -24.91 7.11 -12.50
N GLN A 18 -24.87 7.09 -12.47
CA GLN A 18 -25.07 8.52 -12.21
CA GLN A 18 -24.95 8.52 -12.22
C GLN A 18 -24.63 8.72 -10.76
C GLN A 18 -24.59 8.72 -10.76
N GLY A 19 -23.52 9.45 -10.54
CA GLY A 19 -23.00 9.72 -9.21
C GLY A 19 -23.90 10.72 -8.51
N ALA A 20 -23.63 10.99 -7.22
CA ALA A 20 -24.40 11.98 -6.44
C ALA A 20 -24.28 13.42 -7.04
N ASP A 21 -23.11 13.77 -7.59
N ASP A 21 -23.15 13.68 -7.71
CA ASP A 21 -22.87 15.10 -8.17
CA ASP A 21 -22.82 14.92 -8.45
C ASP A 21 -23.43 15.26 -9.60
C ASP A 21 -23.31 14.76 -9.91
N SER A 22 -24.44 14.41 -9.96
N SER A 22 -22.96 15.71 -10.81
CA SER A 22 -25.12 14.31 -11.26
CA SER A 22 -23.38 15.65 -12.21
C SER A 22 -24.15 14.15 -12.44
C SER A 22 -22.71 14.51 -13.01
N CYS A 23 -23.04 13.45 -12.20
N CYS A 23 -21.40 14.30 -12.80
CA CYS A 23 -21.95 13.18 -13.13
CA CYS A 23 -20.54 13.32 -13.47
C CYS A 23 -21.80 11.66 -13.26
C CYS A 23 -21.09 11.88 -13.56
N ILE A 24 -21.44 11.14 -14.45
N ILE A 24 -20.67 11.15 -14.63
CA ILE A 24 -21.27 9.69 -14.56
CA ILE A 24 -20.94 9.74 -14.85
C ILE A 24 -19.97 9.26 -13.89
C ILE A 24 -19.77 9.04 -14.14
N GLN A 25 -20.05 8.11 -13.22
CA GLN A 25 -18.97 7.46 -12.49
C GLN A 25 -18.78 6.03 -12.94
N PHE A 26 -17.52 5.63 -13.11
CA PHE A 26 -17.17 4.28 -13.52
C PHE A 26 -16.87 3.46 -12.31
N THR A 27 -17.66 2.42 -12.11
CA THR A 27 -17.59 1.50 -10.96
C THR A 27 -16.24 0.83 -10.74
N ARG A 28 -15.65 0.27 -11.81
CA ARG A 28 -14.40 -0.50 -11.67
C ARG A 28 -13.15 0.28 -11.96
N HIS A 29 -13.27 1.57 -12.24
CA HIS A 29 -12.10 2.37 -12.65
C HIS A 29 -10.95 2.36 -11.66
N ALA A 30 -11.23 2.68 -10.37
CA ALA A 30 -10.16 2.70 -9.36
C ALA A 30 -9.49 1.34 -9.19
N SER A 31 -10.27 0.25 -9.11
CA SER A 31 -9.67 -1.08 -8.99
C SER A 31 -8.90 -1.47 -10.26
N ASP A 32 -9.40 -1.07 -11.45
CA ASP A 32 -8.67 -1.30 -12.70
C ASP A 32 -7.35 -0.54 -12.75
N VAL A 33 -7.31 0.72 -12.25
CA VAL A 33 -6.07 1.50 -12.19
C VAL A 33 -5.08 0.78 -11.29
N LEU A 34 -5.53 0.34 -10.08
CA LEU A 34 -4.69 -0.35 -9.11
C LEU A 34 -4.13 -1.64 -9.69
N LEU A 35 -4.96 -2.40 -10.41
CA LEU A 35 -4.56 -3.63 -11.09
C LEU A 35 -3.43 -3.35 -12.10
N ASN A 36 -3.59 -2.29 -12.89
CA ASN A 36 -2.58 -1.88 -13.88
C ASN A 36 -1.32 -1.38 -13.22
N LEU A 37 -1.43 -0.69 -12.04
CA LEU A 37 -0.24 -0.26 -11.29
C LEU A 37 0.52 -1.49 -10.77
N ASN A 38 -0.21 -2.51 -10.29
CA ASN A 38 0.43 -3.76 -9.85
C ASN A 38 1.11 -4.49 -11.00
N ARG A 39 0.51 -4.45 -12.21
CA ARG A 39 1.10 -5.04 -13.42
C ARG A 39 2.41 -4.32 -13.75
N LEU A 40 2.45 -2.99 -13.63
CA LEU A 40 3.68 -2.23 -13.85
C LEU A 40 4.72 -2.64 -12.84
N ARG A 41 4.33 -2.84 -11.56
CA ARG A 41 5.25 -3.30 -10.52
C ARG A 41 5.85 -4.68 -10.85
N SER A 42 5.01 -5.69 -11.21
N SER A 42 5.01 -5.69 -11.21
CA SER A 42 5.48 -7.05 -11.55
CA SER A 42 5.47 -7.05 -11.55
C SER A 42 6.50 -7.02 -12.69
C SER A 42 6.42 -7.08 -12.75
N ARG A 43 6.28 -6.11 -13.66
CA ARG A 43 7.13 -5.97 -14.85
C ARG A 43 8.29 -5.02 -14.63
N ASP A 44 8.35 -4.40 -13.43
CA ASP A 44 9.37 -3.43 -13.03
C ASP A 44 9.36 -2.17 -13.92
N ILE A 45 8.16 -1.76 -14.35
CA ILE A 45 7.97 -0.62 -15.24
C ILE A 45 7.76 0.64 -14.41
N LEU A 46 8.64 1.63 -14.64
CA LEU A 46 8.61 2.95 -14.02
C LEU A 46 8.71 2.93 -12.49
N THR A 47 9.17 1.82 -11.90
CA THR A 47 9.45 1.74 -10.45
C THR A 47 10.59 2.73 -10.24
N ASP A 48 10.50 3.55 -9.19
CA ASP A 48 11.45 4.62 -8.98
C ASP A 48 12.05 4.59 -7.60
N VAL A 49 11.83 3.50 -6.86
CA VAL A 49 12.43 3.34 -5.53
C VAL A 49 12.63 1.86 -5.18
N VAL A 50 13.65 1.60 -4.35
CA VAL A 50 13.90 0.28 -3.78
C VAL A 50 13.76 0.46 -2.26
N ILE A 51 12.92 -0.35 -1.64
CA ILE A 51 12.74 -0.35 -0.20
C ILE A 51 13.57 -1.51 0.31
N VAL A 52 14.54 -1.22 1.20
CA VAL A 52 15.44 -2.22 1.75
C VAL A 52 14.97 -2.57 3.17
N VAL A 53 14.67 -3.84 3.38
CA VAL A 53 14.26 -4.31 4.68
C VAL A 53 15.19 -5.48 4.96
N SER A 54 16.12 -5.25 5.89
CA SER A 54 17.15 -6.23 6.23
C SER A 54 17.84 -6.61 4.94
N ARG A 55 17.97 -7.90 4.69
CA ARG A 55 18.58 -8.36 3.46
C ARG A 55 17.75 -8.04 2.20
N GLU A 56 16.44 -8.14 2.33
CA GLU A 56 15.47 -7.97 1.24
C GLU A 56 15.30 -6.61 0.57
N GLN A 57 15.03 -6.67 -0.72
CA GLN A 57 14.81 -5.50 -1.57
C GLN A 57 13.45 -5.60 -2.26
N PHE A 58 12.69 -4.50 -2.23
CA PHE A 58 11.36 -4.42 -2.85
C PHE A 58 11.29 -3.18 -3.73
N ARG A 59 11.08 -3.37 -5.03
CA ARG A 59 10.97 -2.26 -5.98
C ARG A 59 9.52 -1.80 -6.00
N ALA A 60 9.29 -0.49 -6.05
CA ALA A 60 7.93 0.06 -6.05
C ALA A 60 7.86 1.43 -6.70
N HIS A 61 6.66 2.03 -6.67
CA HIS A 61 6.40 3.37 -7.17
C HIS A 61 6.16 4.21 -5.94
N LYS A 62 6.97 5.26 -5.76
CA LYS A 62 6.85 6.22 -4.65
C LYS A 62 5.40 6.73 -4.48
N THR A 63 4.72 7.09 -5.57
CA THR A 63 3.34 7.63 -5.44
C THR A 63 2.36 6.66 -4.83
N VAL A 64 2.51 5.34 -5.14
CA VAL A 64 1.65 4.31 -4.54
C VAL A 64 1.95 4.20 -3.03
N LEU A 65 3.26 4.17 -2.69
CA LEU A 65 3.69 4.08 -1.28
C LEU A 65 3.15 5.27 -0.49
N MET A 66 3.26 6.49 -1.03
CA MET A 66 2.76 7.75 -0.40
C MET A 66 1.25 7.73 -0.27
N ALA A 67 0.53 7.16 -1.26
CA ALA A 67 -0.95 7.08 -1.25
C ALA A 67 -1.46 6.13 -0.14
N CYS A 68 -0.61 5.19 0.34
CA CYS A 68 -0.99 4.14 1.27
C CYS A 68 -0.42 4.23 2.65
N SER A 69 0.68 4.97 2.82
CA SER A 69 1.43 5.00 4.07
C SER A 69 1.78 6.41 4.50
N GLY A 70 1.45 6.73 5.75
CA GLY A 70 1.78 8.00 6.39
C GLY A 70 3.29 8.20 6.47
N LEU A 71 4.05 7.11 6.69
CA LEU A 71 5.52 7.19 6.74
C LEU A 71 6.10 7.51 5.38
N PHE A 72 5.65 6.80 4.34
CA PHE A 72 6.14 7.08 2.97
C PHE A 72 5.72 8.45 2.47
N TYR A 73 4.51 8.92 2.86
CA TYR A 73 4.03 10.27 2.55
C TYR A 73 5.02 11.29 3.11
N SER A 74 5.38 11.17 4.41
CA SER A 74 6.32 12.07 5.07
C SER A 74 7.71 12.03 4.41
N ILE A 75 8.21 10.84 4.09
CA ILE A 75 9.53 10.65 3.46
C ILE A 75 9.58 11.31 2.07
N PHE A 76 8.60 10.99 1.21
CA PHE A 76 8.65 11.49 -0.17
C PHE A 76 8.13 12.93 -0.35
N THR A 77 7.64 13.59 0.73
CA THR A 77 7.28 15.02 0.67
C THR A 77 8.39 15.84 1.33
N ASP A 78 9.44 15.18 1.80
CA ASP A 78 10.59 15.87 2.38
C ASP A 78 11.49 16.27 1.22
N GLN A 79 11.88 17.56 1.13
CA GLN A 79 12.70 18.09 0.05
C GLN A 79 14.03 17.37 -0.14
N LEU A 80 14.64 16.88 0.95
CA LEU A 80 15.89 16.15 0.86
C LEU A 80 15.71 14.69 0.45
N LYS A 81 14.75 14.00 1.07
CA LYS A 81 14.50 12.58 0.87
C LYS A 81 13.68 12.20 -0.35
N CYS A 82 12.84 13.12 -0.86
CA CYS A 82 11.98 12.88 -2.04
C CYS A 82 12.73 12.38 -3.26
N ASN A 83 14.04 12.67 -3.33
CA ASN A 83 14.92 12.32 -4.45
C ASN A 83 15.69 11.01 -4.27
N LEU A 84 15.64 10.42 -3.07
CA LEU A 84 16.33 9.16 -2.79
C LEU A 84 15.74 8.01 -3.64
N SER A 85 16.62 7.17 -4.20
CA SER A 85 16.24 6.01 -5.02
C SER A 85 16.22 4.73 -4.17
N VAL A 86 16.81 4.81 -2.97
CA VAL A 86 16.92 3.68 -2.04
C VAL A 86 16.46 4.21 -0.67
N ILE A 87 15.56 3.48 -0.03
CA ILE A 87 15.05 3.79 1.31
C ILE A 87 15.27 2.56 2.18
N ASN A 88 16.01 2.73 3.28
CA ASN A 88 16.26 1.63 4.22
C ASN A 88 15.26 1.74 5.36
N LEU A 89 14.53 0.67 5.62
CA LEU A 89 13.62 0.70 6.78
C LEU A 89 14.38 0.21 7.98
N ASP A 90 13.77 0.40 9.16
CA ASP A 90 14.29 -0.06 10.44
C ASP A 90 14.66 -1.55 10.28
N PRO A 91 15.91 -1.97 10.61
CA PRO A 91 16.29 -3.39 10.40
C PRO A 91 15.51 -4.40 11.25
N GLU A 92 14.73 -3.89 12.21
CA GLU A 92 13.86 -4.72 13.02
C GLU A 92 12.54 -5.01 12.28
N ILE A 93 12.28 -4.35 11.14
CA ILE A 93 11.07 -4.61 10.36
C ILE A 93 11.17 -6.00 9.75
N ASN A 94 10.11 -6.80 9.92
CA ASN A 94 10.06 -8.13 9.35
C ASN A 94 9.83 -8.06 7.80
N PRO A 95 10.75 -8.61 6.96
CA PRO A 95 10.54 -8.55 5.49
C PRO A 95 9.22 -9.15 5.00
N GLU A 96 8.77 -10.27 5.59
CA GLU A 96 7.51 -10.88 5.16
C GLU A 96 6.32 -9.93 5.45
N GLY A 97 6.32 -9.33 6.64
CA GLY A 97 5.30 -8.35 7.03
C GLY A 97 5.29 -7.20 6.05
N PHE A 98 6.50 -6.72 5.64
CA PHE A 98 6.56 -5.63 4.67
C PHE A 98 6.01 -6.09 3.31
N CYS A 99 6.39 -7.27 2.88
CA CYS A 99 5.94 -7.85 1.62
C CYS A 99 4.40 -7.93 1.55
N ILE A 100 3.76 -8.42 2.64
CA ILE A 100 2.31 -8.54 2.74
C ILE A 100 1.66 -7.15 2.62
N LEU A 101 2.21 -6.14 3.29
CA LEU A 101 1.69 -4.78 3.22
C LEU A 101 1.90 -4.14 1.85
N LEU A 102 3.07 -4.39 1.22
CA LEU A 102 3.32 -3.89 -0.14
C LEU A 102 2.30 -4.50 -1.11
N ASP A 103 2.07 -5.83 -1.00
CA ASP A 103 1.08 -6.52 -1.81
C ASP A 103 -0.30 -5.91 -1.62
N PHE A 104 -0.67 -5.66 -0.36
CA PHE A 104 -1.94 -5.01 0.00
C PHE A 104 -2.07 -3.64 -0.69
N MET A 105 -1.02 -2.82 -0.62
CA MET A 105 -1.02 -1.49 -1.24
C MET A 105 -1.45 -1.55 -2.70
N TYR A 106 -0.89 -2.52 -3.46
CA TYR A 106 -1.15 -2.68 -4.89
C TYR A 106 -2.36 -3.54 -5.26
N THR A 107 -2.95 -4.24 -4.29
CA THR A 107 -4.09 -5.11 -4.60
C THR A 107 -5.42 -4.98 -3.85
N SER A 108 -5.39 -4.40 -2.64
CA SER A 108 -6.48 -4.24 -1.64
C SER A 108 -6.69 -5.51 -0.82
N ARG A 109 -5.85 -6.51 -1.03
CA ARG A 109 -5.95 -7.78 -0.35
C ARG A 109 -4.85 -7.90 0.66
N LEU A 110 -5.23 -8.20 1.87
CA LEU A 110 -4.31 -8.35 2.98
C LEU A 110 -4.26 -9.82 3.39
N ASN A 111 -3.11 -10.47 3.14
CA ASN A 111 -2.94 -11.89 3.46
C ASN A 111 -2.60 -12.07 4.99
N LEU A 112 -3.58 -11.79 5.89
CA LEU A 112 -3.35 -11.97 7.33
C LEU A 112 -3.48 -13.44 7.70
N ARG A 113 -2.51 -13.96 8.46
CA ARG A 113 -2.51 -15.34 8.98
C ARG A 113 -2.06 -15.26 10.45
N GLU A 114 -2.38 -16.28 11.25
CA GLU A 114 -2.01 -16.37 12.67
C GLU A 114 -0.50 -16.20 12.84
N GLY A 115 0.27 -16.83 11.95
CA GLY A 115 1.73 -16.79 11.93
C GLY A 115 2.37 -15.48 11.50
N ASN A 116 1.61 -14.57 10.85
CA ASN A 116 2.19 -13.31 10.42
C ASN A 116 1.52 -12.05 10.99
N ILE A 117 0.34 -12.20 11.64
CA ILE A 117 -0.47 -11.06 12.11
C ILE A 117 0.33 -10.07 13.00
N MET A 118 1.18 -10.57 13.91
CA MET A 118 1.96 -9.68 14.79
C MET A 118 2.97 -8.84 14.01
N ALA A 119 3.69 -9.46 13.06
CA ALA A 119 4.66 -8.78 12.20
C ALA A 119 3.96 -7.79 11.28
N VAL A 120 2.81 -8.20 10.69
CA VAL A 120 2.01 -7.32 9.81
C VAL A 120 1.56 -6.08 10.60
N MET A 121 1.04 -6.29 11.83
CA MET A 121 0.59 -5.19 12.68
C MET A 121 1.73 -4.23 13.03
N ALA A 122 2.86 -4.76 13.50
CA ALA A 122 4.02 -3.94 13.88
C ALA A 122 4.53 -3.13 12.65
N THR A 123 4.51 -3.76 11.46
CA THR A 123 4.94 -3.11 10.23
C THR A 123 3.96 -1.99 9.81
N ALA A 124 2.63 -2.26 9.90
CA ALA A 124 1.60 -1.26 9.58
C ALA A 124 1.67 -0.04 10.51
N MET A 125 2.00 -0.28 11.81
CA MET A 125 2.17 0.77 12.81
C MET A 125 3.34 1.68 12.43
N TYR A 126 4.50 1.07 12.13
CA TYR A 126 5.70 1.75 11.68
C TYR A 126 5.42 2.52 10.36
N LEU A 127 4.70 1.90 9.41
CA LEU A 127 4.38 2.54 8.13
C LEU A 127 3.23 3.56 8.24
N GLN A 128 2.54 3.62 9.40
CA GLN A 128 1.40 4.50 9.64
C GLN A 128 0.27 4.18 8.66
N MET A 129 -0.19 2.93 8.70
CA MET A 129 -1.29 2.44 7.88
C MET A 129 -2.40 2.08 8.89
N GLU A 130 -3.08 3.14 9.38
CA GLU A 130 -4.14 3.11 10.40
C GLU A 130 -5.19 2.03 10.22
N HIS A 131 -5.82 1.95 9.03
CA HIS A 131 -6.87 0.97 8.71
C HIS A 131 -6.38 -0.45 8.90
N VAL A 132 -5.16 -0.76 8.44
CA VAL A 132 -4.58 -2.09 8.61
C VAL A 132 -4.29 -2.37 10.11
N VAL A 133 -3.73 -1.38 10.83
CA VAL A 133 -3.48 -1.52 12.27
C VAL A 133 -4.78 -1.91 13.00
N ASP A 134 -5.85 -1.09 12.80
CA ASP A 134 -7.16 -1.30 13.41
C ASP A 134 -7.73 -2.68 13.08
N THR A 135 -7.55 -3.12 11.83
CA THR A 135 -7.99 -4.43 11.37
C THR A 135 -7.25 -5.54 12.11
N CYS A 136 -5.89 -5.45 12.17
CA CYS A 136 -5.06 -6.41 12.90
C CYS A 136 -5.50 -6.52 14.34
N ARG A 137 -5.74 -5.36 15.01
CA ARG A 137 -6.21 -5.27 16.39
C ARG A 137 -7.55 -6.02 16.58
N LYS A 138 -8.51 -5.84 15.63
CA LYS A 138 -9.82 -6.50 15.68
C LYS A 138 -9.71 -8.02 15.56
N PHE A 139 -8.81 -8.52 14.68
CA PHE A 139 -8.56 -9.95 14.49
C PHE A 139 -7.87 -10.57 15.71
N ILE A 140 -6.92 -9.83 16.32
CA ILE A 140 -6.22 -10.29 17.53
C ILE A 140 -7.23 -10.43 18.68
N LYS A 141 -8.12 -9.43 18.84
CA LYS A 141 -9.18 -9.41 19.86
C LYS A 141 -10.12 -10.62 19.75
N ALA A 142 -10.42 -11.09 18.51
CA ALA A 142 -11.28 -12.25 18.24
C ALA A 142 -10.73 -13.58 18.81
N SER A 143 -9.39 -13.73 18.84
CA SER A 143 -8.70 -14.93 19.35
C SER A 143 -8.71 -15.05 20.87
N GLU A 144 -8.59 -13.92 21.61
CA GLU A 144 -8.58 -13.92 23.08
C GLU A 144 -9.95 -14.27 23.67
#